data_3RAA
#
_entry.id   3RAA
#
_cell.length_a   256.400
_cell.length_b   256.400
_cell.length_c   447.430
_cell.angle_alpha   90.00
_cell.angle_beta   90.00
_cell.angle_gamma   120.00
#
_symmetry.space_group_name_H-M   'P 63 2 2'
#
loop_
_entity.id
_entity.type
_entity.pdbx_description
1 polymer 'Capsid protein'
2 non-polymer 'ADENOSINE MONOPHOSPHATE'
#
_entity_poly.entity_id   1
_entity_poly.type   'polypeptide(L)'
_entity_poly.pdbx_seq_one_letter_code
;DGVGSSSGNWHCDSTWLGDRVITTSTRTWALPTYNNHLYKQISNGTSGGATNDNTYFGYSTPWGYFDFNRFHCHFSPRDW
QRLINNNWGFRPKRLSFKLFNIQVKEVTQNEGTKTIANNLTSTIQVFTDSEYQLPYVLGSAHQGCLPPFPADVFMIPQYG
YLTLNNGSQAVGRSSFYCLEYFPSQMLRTGNNFQFTYTFEDVPFHSSYAHSQSLDRLMNPLIDQYLYYLSRTQTTGGTAN
TQTLGFSQGGPNTMANQAKNWLPGPCYRQQRVSTTTGQNNNSNFAWTAGTKYHLNGRNSLANPGIAMATHKDDEERFFPS
NGILIFGKQNAARDNADYSDVMLTSEEEIKTTNPVATEEYGIVADNLQQQNTAPQIGTVNSQGALPGMVWQNRDVYLQGP
IWAKIPHTDGNFHPSPLMGGFGLKHPPPQILIKNTPVPADPPTTFNQSKLNSFITQYSTGQVSVEIEWELQKENSKRWNP
EIQYTSNYYKSTSVDFAVNTEGVYSEPRPIGTRYLTRNL
;
_entity_poly.pdbx_strand_id   A
#
loop_
_chem_comp.id
_chem_comp.type
_chem_comp.name
_chem_comp.formula
AMP non-polymer 'ADENOSINE MONOPHOSPHATE' 'C10 H14 N5 O7 P'
#
# COMPACT_ATOMS: atom_id res chain seq x y z
N ASP A 1 -23.81 20.79 24.81
CA ASP A 1 -22.59 21.31 24.09
C ASP A 1 -22.09 22.63 24.68
N GLY A 2 -20.95 22.59 25.38
CA GLY A 2 -20.40 23.80 25.98
C GLY A 2 -18.87 23.83 26.08
N VAL A 3 -18.35 24.97 26.50
CA VAL A 3 -16.90 25.15 26.66
C VAL A 3 -16.32 24.25 27.75
N GLY A 4 -17.04 24.10 28.85
CA GLY A 4 -16.55 23.27 29.93
C GLY A 4 -16.93 21.79 29.90
N SER A 5 -17.52 21.34 28.81
CA SER A 5 -17.92 19.93 28.74
C SER A 5 -17.25 19.18 27.63
N SER A 6 -16.62 18.08 28.00
CA SER A 6 -15.95 17.21 27.06
C SER A 6 -17.00 16.85 26.02
N SER A 7 -16.59 16.74 24.76
CA SER A 7 -17.52 16.38 23.71
C SER A 7 -17.19 15.03 23.07
N GLY A 8 -16.65 14.13 23.89
CA GLY A 8 -16.32 12.79 23.40
C GLY A 8 -15.36 12.09 24.35
N ASN A 9 -15.26 10.77 24.23
CA ASN A 9 -14.36 10.03 25.10
C ASN A 9 -13.31 9.23 24.35
N TRP A 10 -12.32 8.76 25.10
CA TRP A 10 -11.23 7.99 24.53
C TRP A 10 -11.63 6.56 24.26
N HIS A 11 -11.91 6.25 22.99
CA HIS A 11 -12.28 4.91 22.61
C HIS A 11 -11.16 4.29 21.81
N CYS A 12 -10.42 3.40 22.43
CA CYS A 12 -9.35 2.69 21.79
C CYS A 12 -9.48 1.28 22.30
N ASP A 13 -9.72 0.33 21.42
CA ASP A 13 -9.99 -1.03 21.87
C ASP A 13 -10.23 -1.97 20.68
N SER A 14 -10.45 -3.24 20.99
CA SER A 14 -10.72 -4.23 19.98
C SER A 14 -11.57 -5.31 20.65
N THR A 15 -12.48 -5.89 19.88
CA THR A 15 -13.34 -6.93 20.41
C THR A 15 -13.55 -7.95 19.30
N TRP A 16 -13.31 -9.21 19.64
CA TRP A 16 -13.45 -10.30 18.69
C TRP A 16 -14.79 -10.98 18.89
N LEU A 17 -15.58 -11.04 17.82
CA LEU A 17 -16.90 -11.63 17.93
C LEU A 17 -17.15 -12.85 17.06
N GLY A 18 -16.17 -13.75 16.99
CA GLY A 18 -16.38 -14.91 16.17
C GLY A 18 -16.05 -14.62 14.73
N ASP A 19 -17.02 -14.22 13.92
CA ASP A 19 -16.72 -13.94 12.53
C ASP A 19 -16.46 -12.46 12.25
N ARG A 20 -16.53 -11.63 13.29
CA ARG A 20 -16.24 -10.21 13.12
C ARG A 20 -15.22 -9.85 14.17
N VAL A 21 -14.58 -8.70 13.99
CA VAL A 21 -13.62 -8.17 14.95
C VAL A 21 -13.76 -6.67 14.76
N ILE A 22 -13.91 -5.94 15.86
CA ILE A 22 -14.08 -4.51 15.75
C ILE A 22 -12.95 -3.76 16.39
N THR A 23 -12.30 -2.94 15.58
CA THR A 23 -11.16 -2.15 16.03
C THR A 23 -11.56 -0.71 16.24
N THR A 24 -11.11 -0.15 17.35
CA THR A 24 -11.39 1.22 17.69
C THR A 24 -10.10 1.83 18.18
N SER A 25 -9.86 3.09 17.85
CA SER A 25 -8.66 3.74 18.32
C SER A 25 -8.80 5.24 18.23
N THR A 26 -8.24 5.91 19.22
CA THR A 26 -8.28 7.36 19.29
C THR A 26 -6.86 7.89 19.40
N ARG A 27 -6.61 9.02 18.75
CA ARG A 27 -5.30 9.63 18.78
C ARG A 27 -5.53 11.12 18.96
N THR A 28 -4.51 11.82 19.45
CA THR A 28 -4.63 13.26 19.63
C THR A 28 -3.91 13.90 18.44
N TRP A 29 -4.47 14.96 17.89
CA TRP A 29 -3.85 15.61 16.74
C TRP A 29 -3.65 17.08 16.94
N ALA A 30 -2.84 17.67 16.05
CA ALA A 30 -2.57 19.09 16.07
C ALA A 30 -2.57 19.55 14.62
N LEU A 31 -3.26 20.67 14.36
CA LEU A 31 -3.34 21.21 13.02
C LEU A 31 -2.83 22.64 12.96
N PRO A 32 -1.87 22.89 12.08
CA PRO A 32 -1.28 24.21 11.90
C PRO A 32 -2.11 25.01 10.90
N THR A 33 -1.53 26.08 10.40
CA THR A 33 -2.20 26.89 9.40
C THR A 33 -1.29 26.67 8.21
N TYR A 34 -1.83 26.13 7.13
CA TYR A 34 -1.03 25.83 5.96
C TYR A 34 -1.10 26.93 4.90
N ASN A 35 0.04 27.23 4.28
CA ASN A 35 0.10 28.25 3.23
C ASN A 35 -0.40 29.63 3.63
N ASN A 36 -0.43 29.91 4.92
CA ASN A 36 -0.92 31.21 5.36
C ASN A 36 -2.35 31.42 4.83
N HIS A 37 -3.18 30.37 4.85
CA HIS A 37 -4.56 30.46 4.37
C HIS A 37 -4.64 30.69 2.86
N LEU A 38 -3.61 30.27 2.13
CA LEU A 38 -3.60 30.50 0.69
C LEU A 38 -3.49 29.27 -0.20
N TYR A 39 -4.11 29.36 -1.36
CA TYR A 39 -4.01 28.28 -2.33
C TYR A 39 -2.86 28.70 -3.21
N LYS A 40 -1.83 27.88 -3.33
CA LYS A 40 -0.71 28.26 -4.17
C LYS A 40 -0.51 27.24 -5.28
N GLN A 41 -0.14 27.76 -6.45
CA GLN A 41 0.12 26.94 -7.60
C GLN A 41 1.52 26.40 -7.43
N ILE A 42 1.68 25.09 -7.60
CA ILE A 42 2.99 24.50 -7.47
C ILE A 42 3.30 23.83 -8.81
N SER A 43 4.57 23.89 -9.18
CA SER A 43 5.00 23.34 -10.45
C SER A 43 6.50 23.01 -10.43
N ASN A 44 6.88 22.06 -11.27
CA ASN A 44 8.28 21.65 -11.41
C ASN A 44 8.48 21.15 -12.83
N GLY A 45 8.99 22.03 -13.67
CA GLY A 45 9.22 21.69 -15.06
C GLY A 45 10.58 21.07 -15.34
N THR A 46 10.92 21.08 -16.63
CA THR A 46 12.18 20.49 -17.10
C THR A 46 13.45 21.33 -16.81
N SER A 47 13.24 22.52 -16.24
CA SER A 47 14.36 23.42 -15.91
C SER A 47 15.31 22.91 -14.79
N GLY A 48 16.56 23.39 -14.84
CA GLY A 48 17.61 23.05 -13.90
C GLY A 48 17.94 21.53 -13.97
N GLY A 49 17.66 20.80 -12.85
CA GLY A 49 17.94 19.38 -12.71
C GLY A 49 16.70 18.52 -12.82
N ALA A 50 15.56 19.12 -12.56
CA ALA A 50 14.36 18.33 -12.72
C ALA A 50 14.52 17.61 -14.06
N THR A 51 14.21 16.34 -14.05
CA THR A 51 14.24 15.50 -15.22
C THR A 51 12.81 15.49 -15.76
N ASN A 52 12.65 15.12 -17.04
CA ASN A 52 11.31 15.04 -17.63
C ASN A 52 10.34 14.10 -16.89
N ASP A 53 10.83 12.95 -16.46
CA ASP A 53 9.99 11.99 -15.76
C ASP A 53 9.43 12.50 -14.43
N ASN A 54 9.77 13.73 -14.06
CA ASN A 54 9.29 14.27 -12.80
C ASN A 54 8.58 15.59 -12.90
N THR A 55 8.14 15.95 -14.09
CA THR A 55 7.44 17.20 -14.28
C THR A 55 6.07 17.09 -13.59
N TYR A 56 5.51 18.21 -13.16
CA TYR A 56 4.19 18.20 -12.53
C TYR A 56 3.61 19.59 -12.37
N PHE A 57 2.29 19.65 -12.29
CA PHE A 57 1.59 20.92 -12.13
C PHE A 57 0.42 20.69 -11.19
N GLY A 58 0.33 21.48 -10.13
CA GLY A 58 -0.77 21.30 -9.21
C GLY A 58 -1.00 22.47 -8.28
N TYR A 59 -1.61 22.20 -7.13
CA TYR A 59 -1.88 23.25 -6.17
C TYR A 59 -1.74 22.73 -4.77
N SER A 60 -1.37 23.61 -3.86
CA SER A 60 -1.28 23.25 -2.46
C SER A 60 -2.38 24.07 -1.81
N THR A 61 -3.18 23.41 -0.97
CA THR A 61 -4.30 24.08 -0.32
C THR A 61 -4.00 24.37 1.14
N PRO A 62 -4.80 25.26 1.74
CA PRO A 62 -4.66 25.64 3.14
C PRO A 62 -5.32 24.60 4.02
N TRP A 63 -5.75 23.50 3.40
CA TRP A 63 -6.43 22.42 4.11
C TRP A 63 -5.56 21.25 4.50
N GLY A 64 -5.96 20.58 5.57
CA GLY A 64 -5.25 19.41 6.06
C GLY A 64 -6.20 18.25 5.82
N TYR A 65 -5.79 17.02 6.11
CA TYR A 65 -6.68 15.89 5.89
C TYR A 65 -6.38 14.74 6.82
N PHE A 66 -7.39 13.93 7.13
CA PHE A 66 -7.19 12.78 8.01
C PHE A 66 -6.94 11.52 7.21
N ASP A 67 -5.97 10.74 7.66
CA ASP A 67 -5.58 9.52 6.99
C ASP A 67 -5.33 8.42 7.99
N PHE A 68 -6.02 7.31 7.75
CA PHE A 68 -5.85 6.10 8.61
C PHE A 68 -5.77 4.85 7.77
N ASN A 69 -5.18 5.02 6.58
CA ASN A 69 -5.08 3.96 5.60
C ASN A 69 -3.83 3.10 5.78
N ARG A 70 -3.63 2.62 7.00
CA ARG A 70 -2.52 1.75 7.34
C ARG A 70 -3.07 0.84 8.43
N PHE A 71 -2.92 -0.46 8.25
CA PHE A 71 -3.45 -1.40 9.22
C PHE A 71 -3.11 -1.17 10.67
N HIS A 72 -1.90 -0.71 10.99
CA HIS A 72 -1.56 -0.52 12.39
C HIS A 72 -2.24 0.68 13.03
N CYS A 73 -3.12 1.33 12.28
CA CYS A 73 -3.86 2.47 12.80
C CYS A 73 -4.98 1.84 13.63
N HIS A 74 -5.29 0.60 13.28
CA HIS A 74 -6.38 -0.10 13.92
C HIS A 74 -5.99 -1.31 14.74
N PHE A 75 -5.18 -2.20 14.19
CA PHE A 75 -4.79 -3.38 14.93
C PHE A 75 -3.51 -3.20 15.72
N SER A 76 -3.53 -3.65 16.97
CA SER A 76 -2.34 -3.58 17.80
C SER A 76 -1.55 -4.78 17.32
N PRO A 77 -0.26 -4.85 17.68
CA PRO A 77 0.52 -6.00 17.22
C PRO A 77 -0.12 -7.31 17.67
N ARG A 78 -0.50 -7.39 18.94
CA ARG A 78 -1.12 -8.60 19.45
C ARG A 78 -2.37 -8.93 18.67
N ASP A 79 -3.20 -7.93 18.40
CA ASP A 79 -4.43 -8.17 17.63
C ASP A 79 -4.06 -8.67 16.26
N TRP A 80 -3.12 -8.00 15.61
CA TRP A 80 -2.70 -8.41 14.29
C TRP A 80 -2.27 -9.87 14.32
N GLN A 81 -1.65 -10.29 15.41
CA GLN A 81 -1.21 -11.66 15.55
C GLN A 81 -2.42 -12.58 15.63
N ARG A 82 -3.36 -12.22 16.51
CA ARG A 82 -4.58 -13.01 16.68
C ARG A 82 -5.23 -13.20 15.32
N LEU A 83 -5.31 -12.10 14.57
CA LEU A 83 -5.89 -12.11 13.25
C LEU A 83 -5.22 -13.11 12.32
N ILE A 84 -3.96 -12.87 11.97
CA ILE A 84 -3.22 -13.72 11.05
C ILE A 84 -2.97 -15.18 11.38
N ASN A 85 -2.89 -15.50 12.66
CA ASN A 85 -2.65 -16.88 13.07
C ASN A 85 -3.88 -17.78 13.05
N ASN A 86 -5.06 -17.19 12.90
CA ASN A 86 -6.28 -17.99 12.94
C ASN A 86 -7.30 -17.83 11.85
N ASN A 87 -7.06 -16.96 10.88
CA ASN A 87 -8.05 -16.78 9.84
C ASN A 87 -7.49 -16.92 8.44
N TRP A 88 -8.33 -17.42 7.55
CA TRP A 88 -7.95 -17.60 6.15
C TRP A 88 -8.21 -16.35 5.34
N GLY A 89 -8.73 -15.32 6.00
CA GLY A 89 -9.01 -14.09 5.28
C GLY A 89 -9.81 -13.13 6.14
N PHE A 90 -10.00 -11.93 5.62
CA PHE A 90 -10.74 -10.91 6.32
C PHE A 90 -10.94 -9.74 5.38
N ARG A 91 -11.77 -8.78 5.78
CA ARG A 91 -12.05 -7.60 4.96
C ARG A 91 -12.86 -6.62 5.78
N PRO A 92 -12.83 -5.34 5.42
CA PRO A 92 -13.56 -4.27 6.09
C PRO A 92 -15.05 -4.24 5.74
N LYS A 93 -15.90 -3.88 6.71
CA LYS A 93 -17.35 -3.83 6.48
C LYS A 93 -17.91 -2.44 6.63
N ARG A 94 -17.61 -1.78 7.74
CA ARG A 94 -18.10 -0.44 7.96
C ARG A 94 -17.19 0.30 8.93
N LEU A 95 -17.36 1.62 9.01
CA LEU A 95 -16.56 2.42 9.91
C LEU A 95 -17.28 3.66 10.40
N SER A 96 -16.85 4.13 11.57
CA SER A 96 -17.39 5.32 12.19
C SER A 96 -16.20 6.22 12.40
N PHE A 97 -16.39 7.51 12.16
CA PHE A 97 -15.30 8.44 12.34
C PHE A 97 -15.82 9.49 13.30
N LYS A 98 -14.93 10.10 14.09
CA LYS A 98 -15.38 11.13 15.01
C LYS A 98 -14.29 12.12 15.43
N LEU A 99 -14.63 13.41 15.46
CA LEU A 99 -13.71 14.49 15.86
C LEU A 99 -14.27 15.16 17.11
N PHE A 100 -13.43 15.46 18.09
CA PHE A 100 -13.95 16.09 19.30
C PHE A 100 -12.94 16.71 20.25
N ASN A 101 -13.46 17.26 21.35
CA ASN A 101 -12.62 17.91 22.35
C ASN A 101 -11.68 18.86 21.63
N ILE A 102 -12.25 19.53 20.64
CA ILE A 102 -11.55 20.48 19.82
C ILE A 102 -11.23 21.76 20.56
N GLN A 103 -9.96 22.15 20.52
CA GLN A 103 -9.51 23.40 21.13
C GLN A 103 -8.65 24.17 20.14
N VAL A 104 -8.99 25.44 19.99
CA VAL A 104 -8.28 26.34 19.09
C VAL A 104 -7.50 27.30 19.94
N LYS A 105 -6.19 27.27 19.78
CA LYS A 105 -5.31 28.12 20.55
C LYS A 105 -4.58 29.11 19.66
N GLU A 106 -4.42 30.32 20.13
CA GLU A 106 -3.73 31.36 19.37
C GLU A 106 -2.44 31.77 20.07
N VAL A 107 -1.37 31.82 19.30
CA VAL A 107 -0.07 32.18 19.85
C VAL A 107 0.40 33.61 19.56
N THR A 108 0.76 34.30 20.63
CA THR A 108 1.26 35.68 20.60
C THR A 108 2.78 35.67 20.57
N GLN A 109 3.35 36.30 19.57
CA GLN A 109 4.83 36.32 19.45
C GLN A 109 5.44 37.73 19.68
N ASN A 110 5.92 38.09 20.86
CA ASN A 110 6.52 39.41 21.01
C ASN A 110 7.75 39.33 21.94
N GLU A 111 8.84 40.00 21.54
CA GLU A 111 10.16 40.10 22.22
C GLU A 111 10.52 38.73 22.72
N GLY A 112 10.52 37.79 21.82
CA GLY A 112 10.92 36.46 22.19
C GLY A 112 10.00 35.69 23.14
N THR A 113 9.40 36.32 24.15
CA THR A 113 8.47 35.54 24.91
C THR A 113 7.38 35.20 23.91
N LYS A 114 7.16 33.94 23.76
CA LYS A 114 6.12 33.48 22.93
C LYS A 114 5.11 32.88 23.91
N THR A 115 3.84 33.30 23.79
CA THR A 115 2.79 32.80 24.70
C THR A 115 1.53 32.30 23.99
N ILE A 116 1.05 31.12 24.42
CA ILE A 116 -0.13 30.49 23.84
C ILE A 116 -1.35 30.52 24.76
N ALA A 117 -2.49 30.96 24.22
CA ALA A 117 -3.73 31.01 24.99
C ALA A 117 -4.92 30.60 24.11
N ASN A 118 -5.99 30.13 24.75
CA ASN A 118 -7.19 29.71 24.03
C ASN A 118 -7.90 30.86 23.32
N ASN A 119 -8.54 30.54 22.19
CA ASN A 119 -9.33 31.53 21.44
C ASN A 119 -10.67 30.82 21.39
N LEU A 120 -11.39 30.88 22.51
CA LEU A 120 -12.66 30.20 22.67
C LEU A 120 -13.64 30.32 21.52
N THR A 121 -13.72 31.49 20.90
CA THR A 121 -14.67 31.69 19.82
C THR A 121 -14.20 31.39 18.38
N SER A 122 -13.02 30.81 18.21
CA SER A 122 -12.55 30.49 16.85
C SER A 122 -13.09 29.15 16.40
N THR A 123 -13.01 28.88 15.11
CA THR A 123 -13.54 27.64 14.58
C THR A 123 -12.66 26.92 13.60
N ILE A 124 -12.87 25.62 13.47
CA ILE A 124 -12.14 24.83 12.50
C ILE A 124 -13.26 24.41 11.56
N GLN A 125 -12.91 23.89 10.39
CA GLN A 125 -13.92 23.45 9.44
C GLN A 125 -13.62 22.03 9.03
N VAL A 126 -14.67 21.22 8.91
CA VAL A 126 -14.52 19.83 8.52
C VAL A 126 -15.54 19.50 7.46
N PHE A 127 -15.25 18.50 6.65
CA PHE A 127 -16.19 18.08 5.63
C PHE A 127 -15.63 16.87 4.91
N THR A 128 -16.50 16.02 4.41
CA THR A 128 -16.06 14.83 3.70
C THR A 128 -16.40 14.94 2.23
N ASP A 129 -15.49 14.45 1.39
CA ASP A 129 -15.69 14.45 -0.05
C ASP A 129 -16.47 13.18 -0.34
N SER A 130 -17.71 13.15 0.14
CA SER A 130 -18.58 12.00 -0.02
C SER A 130 -18.95 11.71 -1.46
N GLU A 131 -18.75 12.68 -2.35
CA GLU A 131 -19.09 12.43 -3.75
C GLU A 131 -17.86 12.30 -4.61
N TYR A 132 -16.71 12.16 -3.96
CA TYR A 132 -15.45 12.01 -4.66
C TYR A 132 -15.38 13.04 -5.80
N GLN A 133 -15.27 14.30 -5.42
CA GLN A 133 -15.17 15.38 -6.39
C GLN A 133 -13.81 16.05 -6.34
N LEU A 134 -13.04 15.73 -5.31
CA LEU A 134 -11.68 16.26 -5.17
C LEU A 134 -10.74 15.13 -5.54
N PRO A 135 -9.54 15.46 -6.04
CA PRO A 135 -8.58 14.43 -6.41
C PRO A 135 -8.31 13.55 -5.20
N TYR A 136 -8.43 12.24 -5.39
CA TYR A 136 -8.25 11.30 -4.28
C TYR A 136 -6.78 11.04 -4.00
N VAL A 137 -6.27 11.76 -3.02
CA VAL A 137 -4.88 11.67 -2.61
C VAL A 137 -4.57 10.46 -1.73
N LEU A 138 -5.55 9.94 -1.01
CA LEU A 138 -5.31 8.77 -0.16
C LEU A 138 -4.92 7.55 -1.00
N GLY A 139 -4.28 6.59 -0.37
CA GLY A 139 -3.88 5.39 -1.09
C GLY A 139 -2.73 5.62 -2.06
N SER A 140 -1.78 6.45 -1.64
CA SER A 140 -0.58 6.75 -2.42
C SER A 140 0.55 6.65 -1.41
N ALA A 141 0.34 5.80 -0.41
CA ALA A 141 1.29 5.52 0.65
C ALA A 141 1.96 6.75 1.27
N HIS A 142 1.21 7.82 1.49
CA HIS A 142 1.81 9.01 2.10
C HIS A 142 1.89 8.88 3.60
N GLN A 143 2.66 9.78 4.22
CA GLN A 143 2.82 9.78 5.66
C GLN A 143 1.72 10.61 6.25
N GLY A 144 1.64 10.62 7.58
CA GLY A 144 0.62 11.42 8.24
C GLY A 144 -0.58 10.64 8.73
N CYS A 145 -0.52 9.32 8.69
CA CYS A 145 -1.65 8.53 9.17
C CYS A 145 -1.66 8.59 10.68
N LEU A 146 -2.58 7.89 11.30
CA LEU A 146 -2.60 7.90 12.74
C LEU A 146 -1.41 7.06 13.17
N PRO A 147 -0.77 7.45 14.27
CA PRO A 147 0.38 6.74 14.82
C PRO A 147 -0.01 5.32 15.23
N PRO A 148 0.94 4.39 15.16
CA PRO A 148 0.63 3.02 15.55
C PRO A 148 0.43 2.96 17.07
N PHE A 149 1.29 3.67 17.79
CA PHE A 149 1.21 3.72 19.24
C PHE A 149 0.22 4.80 19.66
N PRO A 150 -0.86 4.40 20.36
CA PRO A 150 -1.94 5.26 20.84
C PRO A 150 -1.51 6.55 21.54
N ALA A 151 -0.45 6.46 22.35
CA ALA A 151 0.03 7.60 23.10
C ALA A 151 0.78 8.67 22.30
N ASP A 152 1.08 8.41 21.03
CA ASP A 152 1.79 9.41 20.23
C ASP A 152 0.86 10.47 19.69
N VAL A 153 1.22 11.74 19.91
CA VAL A 153 0.44 12.84 19.38
C VAL A 153 0.96 13.05 17.97
N PHE A 154 0.10 13.39 17.02
CA PHE A 154 0.58 13.58 15.66
C PHE A 154 0.09 14.84 14.97
N MET A 155 0.79 15.17 13.88
CA MET A 155 0.51 16.34 13.08
C MET A 155 -0.30 15.96 11.84
N ILE A 156 -1.26 16.80 11.50
CA ILE A 156 -2.10 16.52 10.36
C ILE A 156 -1.51 16.98 9.03
N PRO A 157 -1.45 16.06 8.05
CA PRO A 157 -0.92 16.26 6.70
C PRO A 157 -1.60 17.40 5.99
N GLN A 158 -0.90 18.03 5.05
CA GLN A 158 -1.48 19.11 4.28
C GLN A 158 -2.00 18.54 2.95
N TYR A 159 -3.15 19.02 2.50
CA TYR A 159 -3.73 18.53 1.26
C TYR A 159 -3.24 19.31 0.05
N GLY A 160 -2.77 18.57 -0.95
CA GLY A 160 -2.30 19.17 -2.18
C GLY A 160 -2.67 18.20 -3.26
N TYR A 161 -2.86 18.66 -4.50
CA TYR A 161 -3.23 17.76 -5.57
C TYR A 161 -2.59 18.08 -6.91
N LEU A 162 -2.72 17.17 -7.87
CA LEU A 162 -2.13 17.34 -9.21
C LEU A 162 -3.12 17.22 -10.36
N THR A 163 -2.91 18.00 -11.43
CA THR A 163 -3.73 17.93 -12.64
C THR A 163 -2.78 17.93 -13.81
N LEU A 164 -3.30 17.86 -15.00
CA LEU A 164 -2.36 17.77 -16.16
C LEU A 164 -1.32 18.86 -16.26
N ASN A 165 -0.16 18.48 -16.80
CA ASN A 165 0.94 19.41 -17.00
C ASN A 165 1.67 19.08 -18.29
N ASN A 166 2.27 20.12 -18.87
CA ASN A 166 3.06 19.98 -20.07
C ASN A 166 4.38 20.63 -19.66
N GLY A 167 5.22 19.84 -19.01
CA GLY A 167 6.49 20.36 -18.52
C GLY A 167 6.17 20.99 -17.18
N SER A 168 6.21 22.33 -17.13
CA SER A 168 5.91 23.04 -15.89
C SER A 168 4.72 23.95 -16.17
N GLN A 169 4.02 23.66 -17.25
CA GLN A 169 2.87 24.47 -17.60
C GLN A 169 1.56 23.71 -17.50
N ALA A 170 0.51 24.46 -17.23
CA ALA A 170 -0.82 23.91 -17.15
C ALA A 170 -1.26 23.73 -18.59
N VAL A 171 -2.31 22.95 -18.80
CA VAL A 171 -2.84 22.75 -20.15
C VAL A 171 -4.33 23.09 -20.13
N GLY A 172 -4.96 23.08 -21.30
CA GLY A 172 -6.37 23.42 -21.36
C GLY A 172 -7.25 22.72 -20.33
N ARG A 173 -7.05 21.40 -20.22
CA ARG A 173 -7.82 20.56 -19.31
C ARG A 173 -7.41 20.57 -17.85
N SER A 174 -6.49 21.43 -17.45
CA SER A 174 -6.10 21.41 -16.05
C SER A 174 -7.24 21.94 -15.20
N SER A 175 -7.49 21.27 -14.09
CA SER A 175 -8.57 21.64 -13.18
C SER A 175 -8.09 22.28 -11.91
N PHE A 176 -8.80 23.31 -11.46
CA PHE A 176 -8.44 23.97 -10.23
C PHE A 176 -9.59 23.78 -9.26
N TYR A 177 -9.32 23.20 -8.10
CA TYR A 177 -10.36 22.99 -7.10
C TYR A 177 -10.19 23.86 -5.87
N CYS A 178 -11.28 24.46 -5.45
CA CYS A 178 -11.30 25.30 -4.26
C CYS A 178 -12.08 24.55 -3.19
N LEU A 179 -11.42 24.17 -2.10
CA LEU A 179 -12.10 23.44 -1.04
C LEU A 179 -13.13 24.26 -0.28
N GLU A 180 -13.15 25.58 -0.48
CA GLU A 180 -14.14 26.41 0.20
C GLU A 180 -15.44 26.37 -0.59
N TYR A 181 -15.38 25.77 -1.78
CA TYR A 181 -16.56 25.68 -2.63
C TYR A 181 -17.30 24.40 -2.30
N PHE A 182 -17.14 23.96 -1.06
CA PHE A 182 -17.79 22.76 -0.57
C PHE A 182 -18.47 23.08 0.75
N PRO A 183 -19.70 22.61 0.93
CA PRO A 183 -20.33 22.92 2.21
C PRO A 183 -19.55 22.17 3.29
N SER A 184 -19.09 22.89 4.29
CA SER A 184 -18.34 22.26 5.37
C SER A 184 -18.89 22.66 6.72
N GLN A 185 -18.74 21.78 7.70
CA GLN A 185 -19.25 22.02 9.04
C GLN A 185 -18.29 22.83 9.88
N MET A 186 -18.78 23.88 10.52
CA MET A 186 -17.92 24.72 11.35
C MET A 186 -18.13 24.44 12.82
N LEU A 187 -17.07 24.16 13.55
CA LEU A 187 -17.22 23.89 14.97
C LEU A 187 -16.24 24.63 15.86
N ARG A 188 -16.73 25.01 17.05
CA ARG A 188 -15.94 25.71 18.05
C ARG A 188 -15.69 24.67 19.11
N THR A 189 -14.84 24.98 20.08
CA THR A 189 -14.58 24.03 21.14
C THR A 189 -15.95 23.69 21.70
N GLY A 190 -16.21 22.44 22.01
CA GLY A 190 -17.53 22.13 22.54
C GLY A 190 -18.48 21.61 21.48
N ASN A 191 -18.02 21.58 20.23
CA ASN A 191 -18.79 21.07 19.10
C ASN A 191 -18.04 19.83 18.65
N ASN A 192 -18.73 18.91 17.97
CA ASN A 192 -18.01 17.74 17.48
C ASN A 192 -18.50 17.38 16.11
N PHE A 193 -17.83 16.44 15.47
CA PHE A 193 -18.12 16.00 14.14
C PHE A 193 -18.02 14.49 13.97
N GLN A 194 -18.82 13.93 13.07
CA GLN A 194 -18.80 12.48 12.92
C GLN A 194 -19.64 11.98 11.76
N PHE A 195 -19.26 10.83 11.24
CA PHE A 195 -19.98 10.25 10.13
C PHE A 195 -19.75 8.76 10.07
N THR A 196 -20.54 8.11 9.21
CA THR A 196 -20.47 6.67 9.02
C THR A 196 -20.29 6.32 7.55
N TYR A 197 -19.61 5.21 7.32
CA TYR A 197 -19.36 4.76 5.96
C TYR A 197 -19.47 3.26 5.93
N THR A 198 -19.81 2.72 4.76
CA THR A 198 -19.93 1.28 4.61
C THR A 198 -19.14 0.83 3.41
N PHE A 199 -18.26 -0.15 3.62
CA PHE A 199 -17.45 -0.67 2.55
C PHE A 199 -18.29 -1.45 1.57
N GLU A 200 -17.92 -1.37 0.29
CA GLU A 200 -18.63 -2.10 -0.74
C GLU A 200 -18.13 -3.52 -0.63
N ASP A 201 -18.81 -4.45 -1.29
CA ASP A 201 -18.37 -5.83 -1.23
C ASP A 201 -17.01 -5.93 -1.85
N VAL A 202 -16.09 -6.54 -1.14
CA VAL A 202 -14.76 -6.67 -1.66
C VAL A 202 -14.35 -8.07 -1.28
N PRO A 203 -13.48 -8.69 -2.08
CA PRO A 203 -13.04 -10.05 -1.78
C PRO A 203 -12.24 -10.15 -0.49
N PHE A 204 -12.31 -11.30 0.17
CA PHE A 204 -11.54 -11.49 1.41
C PHE A 204 -10.06 -11.49 1.07
N HIS A 205 -9.23 -10.97 1.95
CA HIS A 205 -7.81 -11.00 1.68
C HIS A 205 -7.30 -12.42 1.84
N SER A 206 -6.38 -12.81 1.02
CA SER A 206 -5.92 -14.18 1.22
C SER A 206 -4.86 -14.26 2.31
N SER A 207 -5.28 -14.47 3.55
CA SER A 207 -4.34 -14.57 4.65
C SER A 207 -3.99 -16.03 4.86
N TYR A 208 -3.41 -16.62 3.82
CA TYR A 208 -3.00 -18.01 3.85
C TYR A 208 -1.92 -18.23 2.79
N ALA A 209 -1.23 -19.31 2.92
CA ALA A 209 -0.15 -19.64 2.01
C ALA A 209 -0.49 -20.99 1.43
N HIS A 210 -0.36 -21.13 0.12
CA HIS A 210 -0.66 -22.39 -0.54
C HIS A 210 0.29 -23.50 -0.10
N SER A 211 -0.24 -24.68 0.18
CA SER A 211 0.56 -25.82 0.60
C SER A 211 0.59 -26.91 -0.48
N GLN A 212 0.49 -26.46 -1.73
CA GLN A 212 0.53 -27.29 -2.93
C GLN A 212 1.04 -26.29 -3.95
N SER A 213 1.54 -26.73 -5.09
CA SER A 213 2.01 -25.80 -6.12
C SER A 213 1.31 -26.13 -7.42
N LEU A 214 1.07 -25.12 -8.24
CA LEU A 214 0.37 -25.29 -9.49
C LEU A 214 0.83 -26.46 -10.35
N ASP A 215 2.14 -26.70 -10.41
CA ASP A 215 2.68 -27.78 -11.22
C ASP A 215 2.68 -29.14 -10.55
N ARG A 216 2.13 -29.23 -9.34
CA ARG A 216 2.11 -30.49 -8.62
C ARG A 216 0.75 -30.82 -8.02
N LEU A 217 -0.27 -30.84 -8.87
CA LEU A 217 -1.62 -31.13 -8.42
C LEU A 217 -2.11 -32.52 -8.76
N MET A 218 -1.24 -33.37 -9.29
CA MET A 218 -1.65 -34.71 -9.66
C MET A 218 -1.38 -35.77 -8.63
N ASN A 219 -1.77 -36.99 -8.98
CA ASN A 219 -1.60 -38.14 -8.13
C ASN A 219 -0.21 -38.69 -8.43
N PRO A 220 0.67 -38.68 -7.43
CA PRO A 220 2.04 -39.16 -7.53
C PRO A 220 2.14 -40.64 -7.84
N LEU A 221 1.04 -41.35 -7.72
CA LEU A 221 1.06 -42.78 -7.92
C LEU A 221 0.47 -43.30 -9.21
N ILE A 222 -0.23 -42.45 -9.96
CA ILE A 222 -0.87 -42.92 -11.20
C ILE A 222 -0.41 -42.21 -12.45
N ASP A 223 -0.40 -42.94 -13.57
CA ASP A 223 0.00 -42.37 -14.85
C ASP A 223 -1.19 -41.67 -15.45
N GLN A 224 -0.95 -40.83 -16.45
CA GLN A 224 -2.03 -40.16 -17.13
C GLN A 224 -2.45 -41.14 -18.23
N TYR A 225 -3.53 -40.86 -18.93
CA TYR A 225 -3.94 -41.74 -20.02
C TYR A 225 -3.53 -41.02 -21.28
N LEU A 226 -3.16 -39.76 -21.10
CA LEU A 226 -2.73 -38.87 -22.17
C LEU A 226 -1.24 -39.01 -22.48
N TYR A 227 -0.93 -39.06 -23.78
CA TYR A 227 0.45 -39.19 -24.25
C TYR A 227 1.00 -37.83 -24.66
N TYR A 228 2.32 -37.71 -24.68
CA TYR A 228 3.03 -36.50 -25.09
C TYR A 228 4.17 -36.87 -26.02
N LEU A 229 4.62 -35.93 -26.84
CA LEU A 229 5.72 -36.20 -27.76
C LEU A 229 6.96 -36.37 -26.90
N SER A 230 7.50 -37.58 -26.87
CA SER A 230 8.69 -37.87 -26.06
C SER A 230 10.00 -37.95 -26.87
N ARG A 231 9.91 -38.32 -28.15
CA ARG A 231 11.10 -38.47 -28.97
C ARG A 231 10.95 -38.01 -30.42
N THR A 232 11.92 -37.22 -30.87
CA THR A 232 11.94 -36.69 -32.22
C THR A 232 12.88 -37.42 -33.17
N GLN A 233 13.82 -38.18 -32.59
CA GLN A 233 14.82 -38.90 -33.37
C GLN A 233 15.29 -40.21 -32.72
N THR A 234 15.67 -41.18 -33.56
CA THR A 234 16.13 -42.49 -33.08
C THR A 234 17.37 -42.41 -32.19
N THR A 235 17.62 -43.50 -31.48
CA THR A 235 18.73 -43.56 -30.53
C THR A 235 19.84 -44.62 -30.79
N GLY A 236 19.46 -45.75 -31.37
CA GLY A 236 20.39 -46.86 -31.64
C GLY A 236 21.84 -46.69 -32.12
N GLY A 237 22.69 -45.98 -31.33
CA GLY A 237 24.09 -45.81 -31.72
C GLY A 237 24.38 -44.53 -32.51
N THR A 238 24.62 -44.67 -33.83
CA THR A 238 24.92 -43.51 -34.69
C THR A 238 23.96 -43.35 -35.90
N ALA A 239 23.32 -44.45 -36.30
CA ALA A 239 22.36 -44.40 -37.41
C ALA A 239 21.10 -43.62 -36.95
N ASN A 240 21.31 -42.38 -36.48
CA ASN A 240 20.23 -41.54 -35.95
C ASN A 240 19.52 -40.66 -36.95
N THR A 241 18.24 -40.95 -37.13
CA THR A 241 17.38 -40.19 -38.03
C THR A 241 16.11 -39.81 -37.29
N GLN A 242 15.30 -38.95 -37.90
CA GLN A 242 14.06 -38.54 -37.27
C GLN A 242 13.00 -39.63 -37.23
N THR A 243 12.35 -39.70 -36.08
CA THR A 243 11.28 -40.65 -35.79
C THR A 243 10.27 -39.86 -34.93
N LEU A 244 9.23 -40.55 -34.48
CA LEU A 244 8.20 -39.97 -33.65
C LEU A 244 7.88 -40.95 -32.54
N GLY A 245 8.16 -40.54 -31.30
CA GLY A 245 7.90 -41.40 -30.15
C GLY A 245 7.01 -40.71 -29.13
N PHE A 246 6.06 -41.45 -28.57
CA PHE A 246 5.13 -40.87 -27.60
C PHE A 246 5.10 -41.64 -26.28
N SER A 247 4.97 -40.92 -25.18
CA SER A 247 4.95 -41.57 -23.87
C SER A 247 3.82 -41.01 -23.00
N GLN A 248 3.50 -41.73 -21.93
CA GLN A 248 2.46 -41.30 -21.00
C GLN A 248 3.09 -40.66 -19.78
N GLY A 249 2.65 -39.45 -19.44
CA GLY A 249 3.19 -38.78 -18.27
C GLY A 249 3.01 -39.66 -17.05
N GLY A 250 3.94 -39.60 -16.11
CA GLY A 250 3.83 -40.45 -14.93
C GLY A 250 4.46 -39.84 -13.72
N PRO A 251 4.60 -40.60 -12.62
CA PRO A 251 5.21 -40.08 -11.40
C PRO A 251 6.64 -39.56 -11.58
N ASN A 252 7.35 -40.09 -12.56
CA ASN A 252 8.72 -39.66 -12.79
C ASN A 252 8.85 -38.64 -13.87
N THR A 253 7.76 -38.40 -14.59
CA THR A 253 7.75 -37.44 -15.69
C THR A 253 6.79 -36.26 -15.42
N MET A 254 6.64 -35.88 -14.16
CA MET A 254 5.73 -34.80 -13.78
C MET A 254 5.81 -33.50 -14.59
N ALA A 255 7.02 -33.02 -14.87
CA ALA A 255 7.17 -31.78 -15.64
C ALA A 255 6.71 -31.89 -17.09
N ASN A 256 6.45 -33.11 -17.55
CA ASN A 256 6.00 -33.37 -18.91
C ASN A 256 4.50 -33.52 -19.01
N GLN A 257 3.88 -33.88 -17.88
CA GLN A 257 2.44 -34.11 -17.80
C GLN A 257 1.54 -33.01 -18.33
N ALA A 258 0.37 -33.43 -18.81
CA ALA A 258 -0.62 -32.48 -19.31
C ALA A 258 -1.23 -31.84 -18.07
N LYS A 259 -1.50 -30.55 -18.14
CA LYS A 259 -2.08 -29.83 -17.00
C LYS A 259 -3.26 -28.96 -17.42
N ASN A 260 -3.99 -28.42 -16.44
CA ASN A 260 -5.15 -27.59 -16.75
C ASN A 260 -4.96 -26.10 -16.56
N TRP A 261 -3.89 -25.69 -15.88
CA TRP A 261 -3.66 -24.28 -15.62
C TRP A 261 -2.24 -23.74 -15.86
N LEU A 262 -2.12 -22.42 -15.88
CA LEU A 262 -0.85 -21.73 -16.10
C LEU A 262 -0.57 -20.77 -14.94
N PRO A 263 0.70 -20.39 -14.74
CA PRO A 263 1.09 -19.47 -13.66
C PRO A 263 0.59 -18.07 -13.97
N GLY A 264 0.53 -17.23 -12.94
CA GLY A 264 0.06 -15.88 -13.13
C GLY A 264 0.91 -15.07 -14.08
N PRO A 265 0.43 -13.89 -14.48
CA PRO A 265 1.15 -12.99 -15.39
C PRO A 265 2.53 -12.61 -14.87
N CYS A 266 3.37 -12.09 -15.76
CA CYS A 266 4.73 -11.72 -15.41
C CYS A 266 5.23 -10.45 -16.09
N TYR A 267 5.99 -9.69 -15.37
CA TYR A 267 6.68 -8.50 -15.82
C TYR A 267 8.02 -8.70 -15.14
N ARG A 268 9.04 -9.17 -15.82
CA ARG A 268 10.35 -9.45 -15.17
C ARG A 268 11.09 -8.20 -14.59
N GLN A 269 11.61 -8.34 -13.33
CA GLN A 269 12.37 -7.30 -12.66
C GLN A 269 13.85 -7.70 -12.61
N GLN A 270 14.72 -6.71 -12.48
CA GLN A 270 16.15 -7.02 -12.40
C GLN A 270 16.40 -7.48 -10.97
N ARG A 271 17.24 -8.50 -10.82
CA ARG A 271 17.54 -9.03 -9.50
C ARG A 271 18.68 -8.32 -8.80
N VAL A 272 18.66 -8.29 -7.48
CA VAL A 272 19.71 -7.68 -6.69
C VAL A 272 19.88 -8.46 -5.39
N SER A 273 21.11 -8.57 -4.91
CA SER A 273 21.40 -9.32 -3.70
C SER A 273 21.71 -8.46 -2.48
N THR A 274 21.51 -9.04 -1.29
CA THR A 274 21.79 -8.33 -0.05
C THR A 274 23.28 -8.49 0.29
N THR A 275 23.96 -9.37 -0.44
CA THR A 275 25.39 -9.59 -0.27
C THR A 275 26.03 -8.72 -1.36
N THR A 276 26.16 -7.42 -1.07
CA THR A 276 26.70 -6.45 -2.02
C THR A 276 27.76 -6.98 -2.99
N GLY A 277 28.70 -7.78 -2.49
CA GLY A 277 29.74 -8.31 -3.35
C GLY A 277 29.30 -9.11 -4.56
N GLN A 278 28.06 -9.62 -4.57
CA GLN A 278 27.56 -10.43 -5.67
C GLN A 278 26.89 -9.58 -6.75
N ASN A 279 26.74 -8.29 -6.47
CA ASN A 279 26.10 -7.38 -7.41
C ASN A 279 27.07 -6.72 -8.37
N ASN A 280 26.60 -6.37 -9.55
CA ASN A 280 27.45 -5.71 -10.52
C ASN A 280 27.88 -4.40 -9.90
N ASN A 281 29.07 -3.93 -10.26
CA ASN A 281 29.56 -2.69 -9.70
C ASN A 281 29.20 -1.48 -10.56
N SER A 282 27.97 -0.99 -10.41
CA SER A 282 27.49 0.18 -11.13
C SER A 282 26.20 0.65 -10.45
N ASN A 283 25.75 1.86 -10.74
CA ASN A 283 24.52 2.33 -10.12
C ASN A 283 23.38 2.10 -11.11
N PHE A 284 22.82 0.90 -11.09
CA PHE A 284 21.75 0.53 -12.01
C PHE A 284 20.34 0.59 -11.47
N ALA A 285 20.18 1.12 -10.26
CA ALA A 285 18.86 1.23 -9.63
C ALA A 285 17.80 1.79 -10.59
N TRP A 286 18.08 2.95 -11.19
CA TRP A 286 17.10 3.53 -12.11
C TRP A 286 17.23 2.95 -13.52
N THR A 287 18.45 2.92 -14.02
CA THR A 287 18.72 2.44 -15.38
C THR A 287 18.25 1.00 -15.65
N ALA A 288 18.64 0.05 -14.80
CA ALA A 288 18.25 -1.34 -14.98
C ALA A 288 16.88 -1.63 -14.37
N GLY A 289 16.27 -0.58 -13.81
CA GLY A 289 14.97 -0.70 -13.18
C GLY A 289 13.82 -0.93 -14.14
N THR A 290 12.83 -1.70 -13.68
CA THR A 290 11.63 -2.03 -14.45
C THR A 290 10.63 -0.87 -14.41
N LYS A 291 10.15 -0.43 -15.57
CA LYS A 291 9.25 0.71 -15.61
C LYS A 291 8.11 0.61 -16.63
N TYR A 292 7.29 1.67 -16.68
CA TYR A 292 6.20 1.77 -17.65
C TYR A 292 6.28 3.15 -18.28
N HIS A 293 5.84 3.27 -19.53
CA HIS A 293 5.94 4.50 -20.30
C HIS A 293 4.61 5.24 -20.54
N LEU A 294 4.36 6.30 -19.78
CA LEU A 294 3.11 7.04 -19.93
C LEU A 294 3.24 8.50 -20.39
N ASN A 295 2.76 8.77 -21.61
CA ASN A 295 2.81 10.10 -22.22
C ASN A 295 4.17 10.76 -22.17
N GLY A 296 5.19 10.07 -22.63
CA GLY A 296 6.51 10.67 -22.64
C GLY A 296 7.34 10.47 -21.39
N ARG A 297 6.71 10.36 -20.22
CA ARG A 297 7.52 10.15 -19.03
C ARG A 297 7.44 8.72 -18.50
N ASN A 298 8.56 8.24 -17.98
CA ASN A 298 8.68 6.88 -17.48
C ASN A 298 8.55 6.79 -15.97
N SER A 299 7.94 5.72 -15.50
CA SER A 299 7.78 5.51 -14.07
C SER A 299 8.15 4.11 -13.67
N LEU A 300 8.67 4.02 -12.46
CA LEU A 300 9.06 2.75 -11.92
C LEU A 300 7.75 1.98 -11.70
N ALA A 301 7.71 0.73 -12.15
CA ALA A 301 6.55 -0.11 -11.90
C ALA A 301 6.88 -0.63 -10.51
N ASN A 302 6.61 0.20 -9.52
CA ASN A 302 6.93 -0.09 -8.14
C ASN A 302 5.71 -0.21 -7.22
N PRO A 303 5.47 -1.41 -6.67
CA PRO A 303 6.24 -2.65 -6.85
C PRO A 303 5.78 -3.48 -8.04
N GLY A 304 4.78 -2.99 -8.76
CA GLY A 304 4.29 -3.70 -9.92
C GLY A 304 3.52 -4.97 -9.59
N ILE A 305 3.10 -5.68 -10.63
CA ILE A 305 2.34 -6.90 -10.42
C ILE A 305 3.06 -7.81 -9.43
N ALA A 306 2.26 -8.59 -8.71
CA ALA A 306 2.78 -9.49 -7.71
C ALA A 306 3.46 -10.74 -8.25
N MET A 307 4.70 -10.96 -7.82
CA MET A 307 5.46 -12.13 -8.24
C MET A 307 6.31 -12.58 -7.05
N ALA A 308 6.61 -13.87 -7.00
CA ALA A 308 7.42 -14.42 -5.91
C ALA A 308 8.68 -13.56 -5.80
N THR A 309 9.07 -13.23 -4.58
CA THR A 309 10.24 -12.40 -4.36
C THR A 309 11.58 -13.08 -4.71
N HIS A 310 11.62 -14.40 -4.60
CA HIS A 310 12.83 -15.16 -4.90
C HIS A 310 12.43 -16.62 -4.89
N LYS A 311 13.23 -17.49 -5.51
CA LYS A 311 12.90 -18.90 -5.51
C LYS A 311 13.47 -19.63 -4.31
N ASP A 312 13.44 -20.95 -4.33
CA ASP A 312 13.95 -21.72 -3.20
C ASP A 312 15.38 -21.38 -2.82
N ASP A 313 15.55 -21.17 -1.54
CA ASP A 313 16.92 -21.00 -1.03
C ASP A 313 17.66 -19.71 -1.43
N GLU A 314 16.92 -18.80 -2.02
CA GLU A 314 17.46 -17.52 -2.36
C GLU A 314 16.66 -16.47 -1.61
N GLU A 315 16.97 -16.26 -0.33
CA GLU A 315 16.31 -15.24 0.45
C GLU A 315 17.11 -13.94 0.32
N ARG A 316 18.34 -14.05 -0.24
CA ARG A 316 19.19 -12.86 -0.39
C ARG A 316 18.87 -12.03 -1.62
N PHE A 317 18.04 -12.58 -2.51
CA PHE A 317 17.67 -11.86 -3.73
C PHE A 317 16.29 -11.20 -3.67
N PHE A 318 16.15 -10.08 -4.37
CA PHE A 318 14.89 -9.35 -4.43
C PHE A 318 14.84 -8.48 -5.68
N PRO A 319 13.66 -8.20 -6.20
CA PRO A 319 13.48 -7.38 -7.40
C PRO A 319 13.87 -5.93 -7.07
N SER A 320 14.68 -5.30 -7.92
CA SER A 320 15.12 -3.92 -7.65
C SER A 320 13.98 -3.00 -7.20
N ASN A 321 12.83 -3.08 -7.85
CA ASN A 321 11.69 -2.28 -7.42
C ASN A 321 10.41 -3.10 -7.47
N GLY A 322 10.49 -4.33 -6.85
CA GLY A 322 9.34 -5.22 -6.84
C GLY A 322 8.92 -5.76 -5.49
N ILE A 323 9.08 -4.98 -4.46
CA ILE A 323 8.66 -5.37 -3.12
C ILE A 323 8.44 -4.10 -2.32
N LEU A 324 7.76 -4.21 -1.19
CA LEU A 324 7.51 -3.06 -0.34
C LEU A 324 8.68 -2.92 0.59
N ILE A 325 9.05 -1.70 0.92
CA ILE A 325 10.17 -1.50 1.83
C ILE A 325 9.84 -0.47 2.89
N PHE A 326 9.96 -0.88 4.15
CA PHE A 326 9.67 0.01 5.26
C PHE A 326 10.96 0.37 5.93
N GLY A 327 11.02 1.56 6.52
CA GLY A 327 12.23 1.95 7.20
C GLY A 327 12.18 1.58 8.67
N LYS A 328 13.33 1.31 9.26
CA LYS A 328 13.35 0.99 10.69
C LYS A 328 13.21 2.33 11.38
N GLN A 329 12.99 2.32 12.69
CA GLN A 329 12.82 3.56 13.36
C GLN A 329 13.99 4.51 13.10
N ASN A 330 13.67 5.70 12.62
CA ASN A 330 14.62 6.75 12.39
C ASN A 330 15.54 6.55 11.19
N ALA A 331 15.18 5.68 10.27
CA ALA A 331 16.01 5.49 9.09
C ALA A 331 16.01 6.83 8.36
N ALA A 332 17.16 7.23 7.84
CA ALA A 332 17.29 8.49 7.11
C ALA A 332 16.29 8.54 5.96
N ARG A 333 15.89 9.74 5.55
CA ARG A 333 14.95 9.81 4.45
C ARG A 333 15.61 9.42 3.14
N ASP A 334 16.87 9.81 2.99
CA ASP A 334 17.63 9.50 1.79
C ASP A 334 18.85 8.64 2.02
N ASN A 335 19.13 7.82 1.01
CA ASN A 335 20.25 6.91 0.98
C ASN A 335 20.38 6.20 2.33
N ALA A 336 19.26 5.75 2.87
CA ALA A 336 19.27 5.00 4.10
C ALA A 336 20.00 3.70 3.85
N ASP A 337 20.77 3.29 4.85
CA ASP A 337 21.54 2.08 4.76
C ASP A 337 20.67 0.82 4.84
N TYR A 338 21.05 -0.23 4.13
CA TYR A 338 20.29 -1.47 4.13
C TYR A 338 19.91 -1.95 5.54
N SER A 339 20.83 -1.78 6.47
CA SER A 339 20.58 -2.21 7.85
C SER A 339 19.52 -1.35 8.52
N ASP A 340 19.13 -0.26 7.87
CA ASP A 340 18.13 0.67 8.40
C ASP A 340 16.76 0.61 7.76
N VAL A 341 16.51 -0.42 6.95
CA VAL A 341 15.22 -0.59 6.32
C VAL A 341 14.79 -2.04 6.51
N MET A 342 13.57 -2.34 6.11
CA MET A 342 13.04 -3.69 6.24
C MET A 342 12.39 -4.07 4.93
N LEU A 343 12.94 -5.09 4.27
CA LEU A 343 12.40 -5.55 2.99
C LEU A 343 11.33 -6.61 3.20
N THR A 344 10.24 -6.51 2.45
CA THR A 344 9.18 -7.48 2.56
C THR A 344 9.44 -8.62 1.59
N SER A 345 8.76 -9.75 1.80
CA SER A 345 8.95 -10.89 0.92
C SER A 345 7.62 -11.51 0.51
N GLU A 346 7.43 -11.63 -0.81
CA GLU A 346 6.23 -12.23 -1.38
C GLU A 346 6.60 -13.64 -1.81
N GLU A 347 7.48 -14.25 -1.02
CA GLU A 347 7.94 -15.59 -1.29
C GLU A 347 6.78 -16.59 -1.21
N GLU A 348 5.83 -16.34 -0.32
CA GLU A 348 4.71 -17.23 -0.13
C GLU A 348 3.93 -17.57 -1.40
N ILE A 349 4.05 -16.77 -2.45
CA ILE A 349 3.30 -17.07 -3.65
C ILE A 349 4.08 -17.78 -4.76
N LYS A 350 5.28 -18.27 -4.44
CA LYS A 350 6.15 -19.00 -5.39
C LYS A 350 5.33 -20.10 -6.03
N THR A 351 4.34 -20.51 -5.25
CA THR A 351 3.43 -21.58 -5.58
C THR A 351 2.50 -21.43 -6.79
N THR A 352 2.16 -20.20 -7.14
CA THR A 352 1.28 -19.92 -8.27
C THR A 352 1.74 -18.78 -9.16
N ASN A 353 2.58 -17.90 -8.62
CA ASN A 353 3.09 -16.77 -9.37
C ASN A 353 4.53 -16.94 -9.87
N PRO A 354 4.80 -16.34 -11.04
CA PRO A 354 6.20 -16.36 -11.57
C PRO A 354 7.13 -15.77 -10.58
N VAL A 355 8.38 -16.18 -10.54
CA VAL A 355 9.33 -15.53 -9.64
C VAL A 355 9.64 -14.16 -10.24
N ALA A 356 9.62 -13.07 -9.48
CA ALA A 356 9.77 -11.76 -10.14
C ALA A 356 11.02 -11.49 -10.96
N THR A 357 12.10 -12.22 -10.69
CA THR A 357 13.37 -11.99 -11.39
C THR A 357 13.76 -13.03 -12.44
N GLU A 358 12.79 -13.78 -12.97
CA GLU A 358 13.07 -14.78 -14.00
C GLU A 358 12.05 -14.75 -15.12
N GLU A 359 12.30 -15.52 -16.17
CA GLU A 359 11.36 -15.55 -17.29
C GLU A 359 10.09 -16.23 -16.87
N TYR A 360 9.05 -16.00 -17.66
CA TYR A 360 7.75 -16.61 -17.42
C TYR A 360 7.83 -18.02 -17.98
N GLY A 361 8.46 -18.13 -19.15
CA GLY A 361 8.58 -19.42 -19.78
C GLY A 361 9.28 -19.30 -21.12
N ILE A 362 9.04 -20.29 -21.97
CA ILE A 362 9.67 -20.36 -23.28
C ILE A 362 8.68 -20.68 -24.40
N VAL A 363 8.74 -19.90 -25.48
CA VAL A 363 7.87 -20.13 -26.66
C VAL A 363 8.72 -20.43 -27.89
N ALA A 364 8.13 -21.08 -28.90
CA ALA A 364 8.86 -21.38 -30.12
C ALA A 364 9.18 -20.05 -30.83
N ASP A 365 10.16 -20.07 -31.72
CA ASP A 365 10.55 -18.86 -32.39
C ASP A 365 10.60 -18.90 -33.92
N ASN A 366 10.66 -20.09 -34.47
CA ASN A 366 10.73 -20.27 -35.91
C ASN A 366 10.02 -21.56 -36.26
N LEU A 367 10.03 -21.88 -37.56
CA LEU A 367 9.40 -23.10 -38.03
C LEU A 367 10.43 -24.16 -38.36
N GLN A 368 10.79 -24.98 -37.38
CA GLN A 368 11.79 -26.01 -37.61
C GLN A 368 11.39 -26.92 -38.79
N GLN A 369 12.36 -27.17 -39.66
CA GLN A 369 12.20 -28.06 -40.80
C GLN A 369 13.40 -28.96 -40.70
N GLN A 370 13.57 -29.85 -41.68
CA GLN A 370 14.69 -30.77 -41.63
C GLN A 370 16.07 -30.07 -41.74
N ASN A 371 16.09 -28.97 -42.47
CA ASN A 371 17.29 -28.18 -42.70
C ASN A 371 17.39 -27.02 -41.71
N THR A 372 16.36 -26.84 -40.89
CA THR A 372 16.32 -25.76 -39.91
C THR A 372 16.16 -26.27 -38.50
N ALA A 373 17.08 -25.90 -37.62
CA ALA A 373 17.01 -26.34 -36.24
C ALA A 373 15.97 -25.50 -35.50
N PRO A 374 15.19 -26.14 -34.62
CA PRO A 374 14.18 -25.40 -33.86
C PRO A 374 14.82 -24.40 -32.91
N GLN A 375 14.24 -23.20 -32.86
CA GLN A 375 14.72 -22.14 -31.98
C GLN A 375 13.62 -21.76 -31.00
N ILE A 376 14.03 -21.14 -29.89
CA ILE A 376 13.06 -20.74 -28.87
C ILE A 376 13.32 -19.32 -28.39
N GLY A 377 12.28 -18.75 -27.77
CA GLY A 377 12.37 -17.40 -27.25
C GLY A 377 12.01 -17.33 -25.77
N THR A 378 12.65 -16.43 -25.05
CA THR A 378 12.38 -16.29 -23.64
C THR A 378 11.35 -15.21 -23.38
N VAL A 379 10.34 -15.54 -22.58
CA VAL A 379 9.26 -14.59 -22.26
C VAL A 379 9.51 -13.84 -20.95
N ASN A 380 9.80 -12.56 -21.05
CA ASN A 380 10.05 -11.77 -19.84
C ASN A 380 8.89 -10.84 -19.52
N SER A 381 7.88 -10.87 -20.38
CA SER A 381 6.67 -10.05 -20.21
C SER A 381 5.49 -10.84 -20.74
N GLN A 382 4.71 -11.39 -19.80
CA GLN A 382 3.55 -12.20 -20.14
C GLN A 382 2.24 -11.64 -19.60
N GLY A 383 1.32 -11.30 -20.50
CA GLY A 383 0.03 -10.77 -20.09
C GLY A 383 -0.99 -11.87 -19.83
N ALA A 384 -2.18 -11.49 -19.37
CA ALA A 384 -3.26 -12.44 -19.08
C ALA A 384 -3.41 -13.53 -20.13
N LEU A 385 -3.51 -14.76 -19.66
CA LEU A 385 -3.63 -15.92 -20.53
C LEU A 385 -4.69 -16.90 -20.03
N PRO A 386 -5.64 -17.27 -20.90
CA PRO A 386 -6.68 -18.21 -20.51
C PRO A 386 -6.13 -19.38 -19.71
N GLY A 387 -6.55 -19.52 -18.47
CA GLY A 387 -6.06 -20.63 -17.67
C GLY A 387 -5.16 -20.21 -16.54
N MET A 388 -4.71 -18.96 -16.54
CA MET A 388 -3.84 -18.47 -15.48
C MET A 388 -4.59 -18.38 -14.18
N VAL A 389 -3.86 -18.45 -13.08
CA VAL A 389 -4.43 -18.33 -11.76
C VAL A 389 -3.30 -17.73 -10.92
N TRP A 390 -3.57 -16.65 -10.20
CA TRP A 390 -2.50 -16.05 -9.42
C TRP A 390 -2.96 -15.61 -8.06
N GLN A 391 -2.03 -15.10 -7.29
CA GLN A 391 -2.30 -14.61 -5.95
C GLN A 391 -1.98 -13.13 -5.94
N ASN A 392 -2.54 -12.40 -4.98
CA ASN A 392 -2.26 -10.98 -4.91
C ASN A 392 -1.16 -10.73 -3.91
N ARG A 393 -0.58 -9.54 -3.96
CA ARG A 393 0.48 -9.18 -3.04
C ARG A 393 -0.09 -9.16 -1.62
N ASP A 394 0.68 -9.65 -0.66
CA ASP A 394 0.23 -9.69 0.72
C ASP A 394 0.08 -8.28 1.32
N VAL A 395 -0.51 -8.17 2.50
CA VAL A 395 -0.66 -6.87 3.15
C VAL A 395 0.12 -6.93 4.44
N TYR A 396 0.58 -5.78 4.93
CA TYR A 396 1.37 -5.78 6.14
C TYR A 396 0.84 -4.91 7.27
N LEU A 397 1.08 -5.33 8.51
CA LEU A 397 0.62 -4.58 9.67
C LEU A 397 0.85 -3.08 9.53
N GLN A 398 1.88 -2.69 8.80
CA GLN A 398 2.17 -1.26 8.61
C GLN A 398 2.06 -0.88 7.15
N GLY A 399 1.26 -1.65 6.40
CA GLY A 399 1.08 -1.38 4.99
C GLY A 399 -0.25 -0.72 4.73
N PRO A 400 -0.50 -0.28 3.49
CA PRO A 400 -1.76 0.37 3.17
C PRO A 400 -2.93 -0.61 3.26
N ILE A 401 -4.16 -0.09 3.35
CA ILE A 401 -5.37 -0.91 3.45
C ILE A 401 -6.21 -0.95 2.17
N TRP A 402 -6.59 0.22 1.68
CA TRP A 402 -7.42 0.28 0.48
C TRP A 402 -6.87 1.33 -0.47
N ALA A 403 -7.47 1.41 -1.65
CA ALA A 403 -7.07 2.39 -2.65
C ALA A 403 -8.27 2.58 -3.57
N LYS A 404 -8.46 3.79 -4.08
CA LYS A 404 -9.58 4.05 -4.96
C LYS A 404 -9.29 3.56 -6.35
N ILE A 405 -10.21 2.80 -6.92
CA ILE A 405 -10.04 2.32 -8.27
C ILE A 405 -10.29 3.50 -9.18
N PRO A 406 -9.41 3.74 -10.15
CA PRO A 406 -9.56 4.86 -11.08
C PRO A 406 -10.83 4.74 -11.91
N HIS A 407 -11.52 5.86 -12.07
CA HIS A 407 -12.75 5.89 -12.85
C HIS A 407 -12.37 5.79 -14.34
N THR A 408 -12.32 4.57 -14.84
CA THR A 408 -11.97 4.35 -16.23
C THR A 408 -12.92 3.36 -16.86
N ASP A 409 -12.96 3.32 -18.18
CA ASP A 409 -13.84 2.42 -18.90
C ASP A 409 -13.55 0.96 -18.63
N GLY A 410 -12.26 0.69 -18.48
CA GLY A 410 -11.88 -0.68 -18.19
C GLY A 410 -10.73 -0.82 -17.21
N ASN A 411 -10.57 -2.03 -16.70
CA ASN A 411 -9.48 -2.33 -15.78
C ASN A 411 -9.37 -3.85 -15.73
N PHE A 412 -8.23 -4.34 -15.23
CA PHE A 412 -8.02 -5.77 -15.13
C PHE A 412 -7.60 -6.12 -13.70
N HIS A 413 -8.37 -6.97 -12.95
CA HIS A 413 -7.95 -7.40 -11.57
C HIS A 413 -7.60 -6.23 -10.64
N PRO A 414 -8.64 -5.53 -10.40
CA PRO A 414 -8.63 -4.23 -9.67
C PRO A 414 -7.91 -4.14 -8.31
N SER A 415 -7.21 -5.22 -7.90
CA SER A 415 -6.48 -5.25 -6.63
C SER A 415 -5.34 -4.25 -6.59
N PRO A 416 -5.23 -3.27 -5.69
CA PRO A 416 -4.16 -2.27 -5.61
C PRO A 416 -2.83 -2.97 -5.62
N LEU A 417 -1.89 -2.48 -6.43
CA LEU A 417 -0.60 -3.14 -6.52
C LEU A 417 0.30 -3.06 -5.30
N MET A 418 0.08 -2.07 -4.44
CA MET A 418 0.89 -1.94 -3.22
C MET A 418 0.29 -2.86 -2.18
N GLY A 419 -0.80 -3.52 -2.56
CA GLY A 419 -1.48 -4.41 -1.65
C GLY A 419 -2.74 -3.77 -1.09
N GLY A 420 -3.74 -4.61 -0.79
CA GLY A 420 -4.97 -4.09 -0.22
C GLY A 420 -6.25 -4.38 -0.97
N PHE A 421 -7.27 -3.59 -0.65
CA PHE A 421 -8.58 -3.72 -1.25
C PHE A 421 -8.87 -2.57 -2.17
N GLY A 422 -9.31 -2.89 -3.38
CA GLY A 422 -9.63 -1.87 -4.35
C GLY A 422 -11.11 -1.55 -4.24
N LEU A 423 -11.40 -0.27 -3.99
CA LEU A 423 -12.78 0.18 -3.83
C LEU A 423 -13.12 1.25 -4.85
N LYS A 424 -14.30 1.16 -5.46
CA LYS A 424 -14.72 2.15 -6.42
C LYS A 424 -15.14 3.39 -5.65
N HIS A 425 -15.67 3.16 -4.44
CA HIS A 425 -16.12 4.22 -3.54
C HIS A 425 -15.48 3.93 -2.20
N PRO A 426 -14.24 4.37 -1.98
CA PRO A 426 -13.55 4.12 -0.72
C PRO A 426 -13.91 5.11 0.36
N PRO A 427 -13.39 4.92 1.57
CA PRO A 427 -13.69 5.85 2.64
C PRO A 427 -13.37 7.23 2.12
N PRO A 428 -14.33 8.16 2.19
CA PRO A 428 -14.15 9.53 1.69
C PRO A 428 -12.96 10.27 2.29
N GLN A 429 -12.51 11.31 1.61
CA GLN A 429 -11.40 12.08 2.13
C GLN A 429 -11.99 12.98 3.19
N ILE A 430 -11.32 13.10 4.32
CA ILE A 430 -11.82 13.96 5.38
C ILE A 430 -10.92 15.19 5.43
N LEU A 431 -11.45 16.34 5.02
CA LEU A 431 -10.69 17.57 5.00
C LEU A 431 -10.96 18.46 6.20
N ILE A 432 -9.90 19.01 6.77
CA ILE A 432 -10.03 19.88 7.93
C ILE A 432 -9.17 21.12 7.73
N LYS A 433 -9.59 22.24 8.32
CA LYS A 433 -8.86 23.48 8.15
C LYS A 433 -9.19 24.48 9.24
N ASN A 434 -8.23 25.30 9.61
CA ASN A 434 -8.46 26.31 10.62
C ASN A 434 -9.07 27.54 9.98
N THR A 435 -10.21 27.98 10.49
CA THR A 435 -10.85 29.17 9.94
C THR A 435 -9.98 30.40 10.24
N PRO A 436 -9.66 31.17 9.19
CA PRO A 436 -8.85 32.39 9.26
C PRO A 436 -9.48 33.42 10.19
N VAL A 437 -8.67 34.05 11.03
CA VAL A 437 -9.19 35.07 11.93
C VAL A 437 -8.43 36.37 11.70
N PRO A 438 -9.01 37.29 10.93
CA PRO A 438 -8.38 38.57 10.62
C PRO A 438 -7.86 39.30 11.85
N ALA A 439 -6.70 39.94 11.69
CA ALA A 439 -6.15 40.73 12.77
C ALA A 439 -6.83 42.07 12.49
N ASP A 440 -6.78 43.00 13.43
CA ASP A 440 -7.44 44.29 13.22
C ASP A 440 -7.19 44.90 11.84
N PRO A 441 -8.28 45.21 11.11
CA PRO A 441 -8.16 45.80 9.78
C PRO A 441 -7.96 47.30 9.84
N PRO A 442 -7.70 47.91 8.68
CA PRO A 442 -7.49 49.35 8.58
C PRO A 442 -8.75 50.10 8.98
N THR A 443 -8.58 51.37 9.34
CA THR A 443 -9.68 52.21 9.77
C THR A 443 -10.50 52.81 8.62
N THR A 444 -9.97 52.72 7.41
CA THR A 444 -10.71 53.23 6.26
C THR A 444 -10.68 52.14 5.20
N PHE A 445 -11.80 52.00 4.49
CA PHE A 445 -11.94 50.95 3.49
C PHE A 445 -10.80 50.73 2.53
N ASN A 446 -10.60 49.47 2.19
CA ASN A 446 -9.60 49.06 1.22
C ASN A 446 -10.01 47.76 0.54
N GLN A 447 -10.13 47.85 -0.79
CA GLN A 447 -10.54 46.73 -1.63
C GLN A 447 -9.70 45.45 -1.50
N SER A 448 -8.40 45.62 -1.23
CA SER A 448 -7.50 44.48 -1.11
C SER A 448 -7.92 43.48 -0.06
N LYS A 449 -7.68 42.20 -0.33
CA LYS A 449 -8.03 41.14 0.61
C LYS A 449 -7.12 41.17 1.82
N LEU A 450 -7.69 40.97 3.00
CA LEU A 450 -6.90 40.95 4.23
C LEU A 450 -5.83 39.87 4.13
N ASN A 451 -4.63 40.21 4.59
CA ASN A 451 -3.48 39.30 4.58
C ASN A 451 -2.82 39.29 5.95
N SER A 452 -3.44 39.98 6.90
CA SER A 452 -2.94 40.05 8.27
C SER A 452 -3.85 39.23 9.16
N PHE A 453 -3.38 38.06 9.59
CA PHE A 453 -4.20 37.20 10.44
C PHE A 453 -3.63 36.86 11.80
N ILE A 454 -4.52 36.55 12.73
CA ILE A 454 -4.08 36.14 14.05
C ILE A 454 -3.46 34.76 13.87
N THR A 455 -2.40 34.49 14.61
CA THR A 455 -1.72 33.22 14.52
C THR A 455 -2.41 32.20 15.41
N GLN A 456 -2.65 31.02 14.88
CA GLN A 456 -3.26 29.99 15.70
C GLN A 456 -3.26 28.63 15.06
N TYR A 457 -3.46 27.62 15.91
CA TYR A 457 -3.50 26.25 15.49
C TYR A 457 -4.57 25.58 16.34
N SER A 458 -4.98 24.38 15.95
CA SER A 458 -6.00 23.68 16.71
C SER A 458 -5.48 22.30 17.08
N THR A 459 -6.18 21.65 17.98
CA THR A 459 -5.79 20.34 18.44
C THR A 459 -7.02 19.69 19.05
N GLY A 460 -7.08 18.37 18.98
CA GLY A 460 -8.20 17.65 19.54
C GLY A 460 -7.96 16.16 19.37
N GLN A 461 -8.97 15.35 19.64
CA GLN A 461 -8.83 13.93 19.48
C GLN A 461 -9.64 13.49 18.27
N VAL A 462 -9.37 12.28 17.80
CA VAL A 462 -10.07 11.72 16.66
C VAL A 462 -10.20 10.23 16.87
N SER A 463 -11.37 9.67 16.57
CA SER A 463 -11.63 8.24 16.74
C SER A 463 -12.03 7.59 15.44
N VAL A 464 -11.61 6.34 15.27
CA VAL A 464 -11.98 5.59 14.09
C VAL A 464 -12.24 4.17 14.51
N GLU A 465 -13.44 3.71 14.20
CA GLU A 465 -13.85 2.36 14.51
C GLU A 465 -14.14 1.63 13.22
N ILE A 466 -13.59 0.44 13.08
CA ILE A 466 -13.81 -0.33 11.87
C ILE A 466 -14.25 -1.75 12.18
N GLU A 467 -15.23 -2.23 11.44
CA GLU A 467 -15.74 -3.56 11.64
C GLU A 467 -15.17 -4.45 10.56
N TRP A 468 -14.50 -5.52 10.99
CA TRP A 468 -13.91 -6.43 10.03
C TRP A 468 -14.56 -7.80 10.07
N GLU A 469 -14.79 -8.37 8.90
CA GLU A 469 -15.39 -9.68 8.80
C GLU A 469 -14.29 -10.71 8.64
N LEU A 470 -14.29 -11.72 9.49
CA LEU A 470 -13.27 -12.75 9.42
C LEU A 470 -13.77 -13.95 8.64
N GLN A 471 -12.83 -14.75 8.15
CA GLN A 471 -13.17 -15.95 7.41
C GLN A 471 -12.34 -17.04 8.05
N LYS A 472 -12.94 -17.77 8.99
CA LYS A 472 -12.23 -18.80 9.72
C LYS A 472 -11.63 -19.91 8.87
N GLU A 473 -10.59 -20.52 9.43
CA GLU A 473 -9.83 -21.60 8.86
C GLU A 473 -10.57 -22.94 9.06
N ASN A 474 -10.48 -23.83 8.07
CA ASN A 474 -11.25 -25.09 8.12
C ASN A 474 -10.38 -26.26 7.67
N SER A 475 -9.11 -26.20 7.97
CA SER A 475 -8.18 -27.19 7.49
C SER A 475 -8.21 -28.57 8.16
N LYS A 476 -8.01 -29.61 7.36
CA LYS A 476 -7.96 -30.97 7.87
C LYS A 476 -6.51 -31.42 7.98
N ARG A 477 -5.61 -30.44 7.86
CA ARG A 477 -4.18 -30.67 7.97
C ARG A 477 -3.93 -31.34 9.33
N TRP A 478 -3.09 -32.36 9.36
CA TRP A 478 -2.84 -33.06 10.62
C TRP A 478 -1.69 -32.47 11.45
N ASN A 479 -0.64 -32.03 10.79
CA ASN A 479 0.51 -31.47 11.48
C ASN A 479 0.40 -29.96 11.70
N PRO A 480 1.24 -29.51 12.62
CA PRO A 480 1.24 -28.08 13.03
C PRO A 480 1.39 -27.05 11.93
N GLU A 481 0.85 -25.86 12.04
CA GLU A 481 1.11 -24.92 10.96
C GLU A 481 2.07 -23.84 11.41
N ILE A 482 2.62 -23.10 10.46
CA ILE A 482 3.55 -22.04 10.81
C ILE A 482 2.77 -20.89 11.43
N GLN A 483 3.19 -20.44 12.60
CA GLN A 483 2.50 -19.35 13.30
C GLN A 483 3.45 -18.19 13.50
N TYR A 484 2.92 -16.96 13.53
CA TYR A 484 3.79 -15.82 13.80
C TYR A 484 4.02 -15.88 15.30
N THR A 485 5.26 -15.75 15.74
CA THR A 485 5.55 -15.80 17.17
C THR A 485 6.59 -14.81 17.65
N SER A 486 6.53 -14.51 18.93
CA SER A 486 7.47 -13.60 19.55
C SER A 486 8.73 -14.42 19.84
N ASN A 487 9.89 -13.78 19.77
CA ASN A 487 11.16 -14.46 20.04
C ASN A 487 11.16 -14.98 21.46
N TYR A 488 11.75 -16.16 21.66
CA TYR A 488 11.77 -16.76 22.98
C TYR A 488 12.83 -16.27 23.98
N TYR A 489 14.07 -16.06 23.49
CA TYR A 489 15.14 -15.68 24.41
C TYR A 489 15.25 -14.20 24.75
N LYS A 490 16.00 -13.91 25.80
CA LYS A 490 16.16 -12.55 26.27
C LYS A 490 16.64 -11.54 25.23
N SER A 491 16.32 -10.27 25.47
CA SER A 491 16.70 -9.19 24.57
C SER A 491 16.79 -7.84 25.29
N THR A 492 17.60 -6.95 24.72
CA THR A 492 17.81 -5.59 25.24
C THR A 492 16.47 -5.00 25.65
N SER A 493 15.54 -5.06 24.70
CA SER A 493 14.19 -4.52 24.85
C SER A 493 13.13 -5.46 24.28
N VAL A 494 11.87 -5.07 24.42
CA VAL A 494 10.74 -5.84 23.92
C VAL A 494 10.35 -5.37 22.52
N ASP A 495 10.02 -6.31 21.64
CA ASP A 495 9.62 -5.99 20.26
C ASP A 495 8.23 -5.34 20.24
N PHE A 496 8.08 -4.26 19.48
CA PHE A 496 6.79 -3.55 19.40
C PHE A 496 6.44 -2.97 20.77
N ALA A 497 7.40 -2.27 21.35
CA ALA A 497 7.21 -1.67 22.66
C ALA A 497 7.93 -0.34 22.59
N VAL A 498 8.02 0.35 23.73
CA VAL A 498 8.71 1.61 23.70
C VAL A 498 10.14 1.47 24.16
N ASN A 499 10.84 2.57 23.94
CA ASN A 499 12.25 2.79 24.24
C ASN A 499 12.49 3.03 25.70
N THR A 500 13.71 3.40 25.96
CA THR A 500 14.07 3.82 27.28
C THR A 500 13.94 5.34 27.19
N GLU A 501 13.68 5.74 25.95
CA GLU A 501 13.53 7.14 25.54
C GLU A 501 12.07 7.42 25.29
N GLY A 502 11.28 6.34 25.31
CA GLY A 502 9.85 6.47 25.07
C GLY A 502 9.54 6.55 23.59
N VAL A 503 10.14 5.65 22.82
CA VAL A 503 9.93 5.63 21.39
C VAL A 503 9.44 4.29 20.91
N TYR A 504 8.19 4.24 20.47
CA TYR A 504 7.63 2.99 19.97
C TYR A 504 8.37 2.69 18.67
N SER A 505 8.55 1.41 18.37
CA SER A 505 9.23 1.02 17.15
C SER A 505 8.75 -0.34 16.69
N GLU A 506 8.58 -0.49 15.38
CA GLU A 506 8.13 -1.75 14.81
C GLU A 506 9.32 -2.48 14.21
N PRO A 507 9.90 -3.42 14.97
CA PRO A 507 11.05 -4.26 14.65
C PRO A 507 11.10 -4.85 13.25
N ARG A 508 9.99 -5.43 12.80
CA ARG A 508 9.94 -6.06 11.50
C ARG A 508 8.59 -5.84 10.87
N PRO A 509 8.44 -6.18 9.58
CA PRO A 509 7.15 -6.01 8.94
C PRO A 509 6.45 -7.32 9.22
N ILE A 510 5.15 -7.32 9.51
CA ILE A 510 4.49 -8.60 9.74
C ILE A 510 3.45 -8.85 8.66
N GLY A 511 3.59 -10.00 8.04
CA GLY A 511 2.69 -10.37 6.97
C GLY A 511 1.35 -10.83 7.45
N THR A 512 0.68 -11.57 6.58
CA THR A 512 -0.65 -12.04 6.83
C THR A 512 -0.77 -13.54 6.60
N ARG A 513 0.05 -14.03 5.67
CA ARG A 513 0.04 -15.42 5.26
C ARG A 513 0.79 -16.45 6.06
N TYR A 514 0.16 -17.02 7.09
CA TYR A 514 0.78 -18.05 7.90
C TYR A 514 0.11 -19.40 7.80
N LEU A 515 -1.22 -19.41 7.90
CA LEU A 515 -1.95 -20.65 7.78
C LEU A 515 -1.85 -21.13 6.35
N THR A 516 -2.10 -22.41 6.13
CA THR A 516 -2.02 -22.96 4.78
C THR A 516 -3.34 -23.50 4.31
N ARG A 517 -3.50 -23.53 3.00
CA ARG A 517 -4.69 -24.05 2.37
C ARG A 517 -4.23 -24.71 1.07
N ASN A 518 -4.97 -25.72 0.62
CA ASN A 518 -4.63 -26.43 -0.61
C ASN A 518 -5.01 -25.59 -1.80
N LEU A 519 -4.77 -26.11 -2.99
CA LEU A 519 -5.16 -25.40 -4.19
C LEU A 519 -6.50 -26.01 -4.68
O5' AMP B . -13.60 -12.96 -8.62
C5' AMP B . -12.62 -12.37 -9.45
C4' AMP B . -12.83 -10.87 -9.54
O4' AMP B . -12.55 -10.27 -8.25
C3' AMP B . -11.92 -10.12 -10.50
O3' AMP B . -12.50 -10.14 -11.83
C2' AMP B . -11.94 -8.71 -9.91
C1' AMP B . -12.25 -8.89 -8.43
N9 AMP B . -11.17 -8.49 -7.52
C8 AMP B . -10.02 -9.16 -7.15
N7 AMP B . -9.30 -8.53 -6.24
C5 AMP B . -10.02 -7.36 -6.01
C6 AMP B . -9.81 -6.27 -5.14
N6 AMP B . -8.79 -6.22 -4.29
N1 AMP B . -10.70 -5.25 -5.17
C2 AMP B . -11.74 -5.34 -6.00
N3 AMP B . -12.05 -6.31 -6.86
C4 AMP B . -11.14 -7.30 -6.82
#